data_4BX5
#
_entry.id   4BX5
#
_cell.length_a   46.220
_cell.length_b   84.240
_cell.length_c   58.250
_cell.angle_alpha   90.00
_cell.angle_beta   98.81
_cell.angle_gamma   90.00
#
_symmetry.space_group_name_H-M   'P 1 21 1'
#
loop_
_entity.id
_entity.type
_entity.pdbx_description
1 polymer STREPTAVIDIN
2 polymer STREPTAVIDIN
3 non-polymer 1,2-ETHANEDIOL
4 non-polymer 'TETRAETHYLENE GLYCOL'
5 water water
#
loop_
_entity_poly.entity_id
_entity_poly.type
_entity_poly.pdbx_seq_one_letter_code
_entity_poly.pdbx_strand_id
1 'polypeptide(L)'
;AEAGITGTWYAQLGDTFIVTAGADGALTGTYEAAVGDDDGDDDGDDDGAESRYVLTGRYDSAPATDGSGTALGWTVAWKN
NYRNAHSATTWSGQYVGGAEARINTQWLLTSGTTEANAWKSTLVGHDTFTKVKPSAAS
;
A,C
2 'polypeptide(L)'
;AEAGITGTWYNQLGSTFIVTAGADGALTGTYESAVGNAESRYVLTGRYDSAPATDGSGTALGWTVAWKNNYRNAHSATTW
SGQYVGGAEARINTQWLLTSGTTEANAWKSTLVGHDTFTKVKPSAAS
;
B,D
#
loop_
_chem_comp.id
_chem_comp.type
_chem_comp.name
_chem_comp.formula
EDO non-polymer 1,2-ETHANEDIOL 'C2 H6 O2'
PG4 non-polymer 'TETRAETHYLENE GLYCOL' 'C8 H18 O5'
#
# COMPACT_ATOMS: atom_id res chain seq x y z
N GLU A 2 -20.73 11.26 18.45
CA GLU A 2 -19.53 11.65 19.18
C GLU A 2 -19.40 10.87 20.48
N ALA A 3 -18.89 9.64 20.41
CA ALA A 3 -18.50 9.03 19.14
C ALA A 3 -19.60 8.14 18.57
N GLY A 4 -19.65 8.08 17.25
CA GLY A 4 -20.59 7.25 16.53
C GLY A 4 -19.90 6.04 15.97
N ILE A 5 -18.69 5.73 16.46
CA ILE A 5 -17.98 4.53 16.01
C ILE A 5 -18.52 3.24 16.67
N THR A 6 -18.83 3.29 17.95
CA THR A 6 -19.36 2.13 18.65
C THR A 6 -20.56 1.57 17.94
N GLY A 7 -20.53 0.25 17.75
CA GLY A 7 -21.65 -0.45 17.19
C GLY A 7 -21.21 -1.47 16.13
N THR A 8 -22.13 -1.76 15.22
CA THR A 8 -22.00 -2.86 14.28
C THR A 8 -21.81 -2.29 12.88
N TRP A 9 -20.84 -2.85 12.17
CA TRP A 9 -20.41 -2.32 10.89
C TRP A 9 -20.43 -3.46 9.88
N TYR A 10 -20.83 -3.13 8.66
CA TYR A 10 -21.04 -4.11 7.59
C TYR A 10 -20.18 -3.77 6.37
N ALA A 11 -19.43 -4.76 5.86
CA ALA A 11 -18.65 -4.59 4.64
C ALA A 11 -19.49 -4.97 3.43
N GLN A 12 -19.02 -4.60 2.24
CA GLN A 12 -19.77 -4.85 1.01
C GLN A 12 -20.05 -6.33 0.74
N LEU A 13 -19.08 -7.21 1.02
CA LEU A 13 -19.20 -8.62 0.65
C LEU A 13 -19.59 -9.53 1.82
N GLY A 14 -20.12 -8.94 2.89
CA GLY A 14 -20.74 -9.73 3.93
C GLY A 14 -20.03 -9.87 5.26
N ASP A 15 -18.76 -9.46 5.34
CA ASP A 15 -18.11 -9.41 6.66
C ASP A 15 -18.84 -8.38 7.54
N THR A 16 -18.82 -8.64 8.86
N THR A 16 -18.82 -8.63 8.84
CA THR A 16 -19.46 -7.80 9.86
CA THR A 16 -19.38 -7.70 9.79
C THR A 16 -18.57 -7.72 11.09
C THR A 16 -18.42 -7.64 10.96
N PHE A 17 -18.45 -6.54 11.69
CA PHE A 17 -17.79 -6.49 12.98
C PHE A 17 -18.58 -5.64 13.95
N ILE A 18 -18.33 -5.88 15.21
N ILE A 18 -18.32 -5.86 15.22
CA ILE A 18 -18.91 -5.11 16.29
CA ILE A 18 -18.92 -5.08 16.30
C ILE A 18 -17.71 -4.53 17.02
C ILE A 18 -17.80 -4.58 17.18
N VAL A 19 -17.81 -3.27 17.42
CA VAL A 19 -16.70 -2.58 18.08
C VAL A 19 -17.23 -1.64 19.16
N THR A 20 -16.46 -1.51 20.24
CA THR A 20 -16.66 -0.46 21.23
C THR A 20 -15.50 0.50 21.11
N ALA A 21 -15.82 1.78 20.90
CA ALA A 21 -14.81 2.83 20.92
C ALA A 21 -14.74 3.43 22.33
N GLY A 22 -13.70 3.08 23.07
CA GLY A 22 -13.54 3.49 24.45
C GLY A 22 -13.14 4.94 24.58
N ALA A 23 -13.45 5.54 25.73
CA ALA A 23 -13.16 6.96 25.93
C ALA A 23 -11.66 7.27 25.92
N ASP A 24 -10.85 6.22 26.10
CA ASP A 24 -9.39 6.36 26.09
C ASP A 24 -8.72 6.09 24.73
N GLY A 25 -9.49 5.99 23.66
CA GLY A 25 -8.91 5.74 22.35
C GLY A 25 -8.85 4.27 21.97
N ALA A 26 -9.41 3.38 22.79
CA ALA A 26 -9.35 1.94 22.47
C ALA A 26 -10.44 1.56 21.49
N LEU A 27 -10.10 0.66 20.55
CA LEU A 27 -11.11 -0.07 19.81
C LEU A 27 -11.00 -1.54 20.23
N THR A 28 -12.12 -2.12 20.66
N THR A 28 -12.15 -2.13 20.55
CA THR A 28 -12.17 -3.53 20.98
CA THR A 28 -12.23 -3.48 21.11
C THR A 28 -13.44 -4.11 20.41
C THR A 28 -13.50 -4.18 20.60
N GLY A 29 -13.37 -5.36 20.00
CA GLY A 29 -14.55 -6.00 19.46
C GLY A 29 -14.29 -7.35 18.81
N THR A 30 -15.17 -7.68 17.87
CA THR A 30 -15.17 -8.98 17.23
C THR A 30 -15.46 -8.81 15.75
N TYR A 31 -14.71 -9.51 14.91
CA TYR A 31 -14.84 -9.45 13.45
C TYR A 31 -15.33 -10.82 12.97
N GLU A 32 -16.38 -10.82 12.16
CA GLU A 32 -16.92 -12.06 11.64
C GLU A 32 -16.77 -12.11 10.16
N ALA A 33 -15.92 -13.02 9.69
CA ALA A 33 -15.65 -13.14 8.28
C ALA A 33 -16.77 -13.94 7.63
N ALA A 34 -17.26 -13.44 6.51
CA ALA A 34 -18.34 -14.11 5.78
C ALA A 34 -17.88 -15.49 5.30
N GLY A 48 -21.09 -18.66 12.12
CA GLY A 48 -21.03 -19.03 13.52
C GLY A 48 -19.77 -18.52 14.18
N ALA A 49 -19.51 -18.99 15.40
CA ALA A 49 -18.37 -18.54 16.19
C ALA A 49 -17.04 -19.03 15.59
N GLU A 50 -17.14 -19.98 14.67
CA GLU A 50 -15.98 -20.53 13.99
C GLU A 50 -15.39 -19.48 13.05
N SER A 51 -16.19 -18.46 12.72
CA SER A 51 -15.72 -17.43 11.81
C SER A 51 -15.59 -16.08 12.51
N ARG A 52 -15.53 -16.10 13.83
CA ARG A 52 -15.38 -14.88 14.65
C ARG A 52 -13.99 -14.76 15.26
N TYR A 53 -13.42 -13.55 15.17
CA TYR A 53 -12.05 -13.29 15.59
C TYR A 53 -11.96 -12.01 16.42
N VAL A 54 -11.03 -11.96 17.35
CA VAL A 54 -10.82 -10.75 18.13
C VAL A 54 -10.29 -9.60 17.25
N LEU A 55 -10.87 -8.40 17.44
CA LEU A 55 -10.42 -7.15 16.81
C LEU A 55 -9.91 -6.23 17.89
N THR A 56 -8.75 -5.59 17.67
N THR A 56 -8.74 -5.62 17.67
CA THR A 56 -8.23 -4.61 18.62
CA THR A 56 -8.20 -4.63 18.59
C THR A 56 -7.46 -3.51 17.90
C THR A 56 -7.57 -3.48 17.79
N GLY A 57 -7.74 -2.26 18.28
CA GLY A 57 -7.08 -1.13 17.64
C GLY A 57 -7.18 0.12 18.45
N ARG A 58 -6.97 1.23 17.76
CA ARG A 58 -6.92 2.57 18.37
C ARG A 58 -7.62 3.57 17.45
N TYR A 59 -8.18 4.63 18.02
CA TYR A 59 -8.75 5.71 17.24
C TYR A 59 -8.42 7.04 17.94
N ASP A 60 -8.50 8.12 17.17
CA ASP A 60 -8.41 9.51 17.69
C ASP A 60 -9.65 9.82 18.52
N SER A 61 -9.46 9.89 19.83
CA SER A 61 -10.54 10.12 20.76
C SER A 61 -10.90 11.59 20.86
N ALA A 62 -10.14 12.48 20.24
CA ALA A 62 -10.44 13.91 20.21
C ALA A 62 -10.30 14.46 18.79
N PRO A 63 -11.15 14.01 17.87
CA PRO A 63 -11.05 14.40 16.47
C PRO A 63 -11.43 15.85 16.25
N ALA A 64 -11.04 16.37 15.11
CA ALA A 64 -11.41 17.72 14.72
C ALA A 64 -12.90 17.71 14.46
N THR A 65 -13.56 18.85 14.68
CA THR A 65 -14.93 19.05 14.25
C THR A 65 -14.93 20.09 13.13
N ASP A 66 -14.28 19.74 12.03
CA ASP A 66 -14.11 20.62 10.87
C ASP A 66 -14.50 19.94 9.55
N GLY A 67 -15.21 18.82 9.64
CA GLY A 67 -15.61 18.09 8.46
C GLY A 67 -14.65 16.97 8.04
N SER A 68 -13.53 16.86 8.74
N SER A 68 -13.53 16.88 8.75
CA SER A 68 -12.59 15.77 8.46
CA SER A 68 -12.55 15.80 8.57
C SER A 68 -12.91 14.53 9.28
C SER A 68 -13.10 14.51 9.16
N GLY A 69 -12.54 13.39 8.72
CA GLY A 69 -12.81 12.12 9.33
C GLY A 69 -12.03 11.95 10.62
N THR A 70 -12.39 10.87 11.32
CA THR A 70 -11.75 10.48 12.58
C THR A 70 -10.81 9.31 12.30
N ALA A 71 -9.51 9.53 12.45
CA ALA A 71 -8.53 8.52 12.11
C ALA A 71 -8.61 7.32 13.04
N LEU A 72 -8.33 6.14 12.50
N LEU A 72 -8.40 6.12 12.49
CA LEU A 72 -8.41 4.91 13.26
CA LEU A 72 -8.46 4.91 13.28
C LEU A 72 -7.64 3.80 12.59
C LEU A 72 -7.77 3.76 12.56
N GLY A 73 -7.48 2.71 13.31
CA GLY A 73 -6.90 1.50 12.77
C GLY A 73 -7.20 0.35 13.68
N TRP A 74 -7.17 -0.87 13.14
CA TRP A 74 -7.30 -2.07 13.96
C TRP A 74 -6.66 -3.25 13.28
N THR A 75 -6.46 -4.29 14.05
CA THR A 75 -5.88 -5.56 13.62
C THR A 75 -6.80 -6.70 13.95
N VAL A 76 -6.81 -7.68 13.06
CA VAL A 76 -7.36 -9.01 13.36
C VAL A 76 -6.27 -10.03 12.98
N ALA A 77 -5.86 -10.85 13.94
CA ALA A 77 -5.03 -12.02 13.64
C ALA A 77 -6.00 -13.19 13.43
N TRP A 78 -5.87 -13.86 12.29
CA TRP A 78 -6.84 -14.83 11.84
C TRP A 78 -6.70 -16.20 12.50
N LYS A 79 -6.57 -16.15 13.82
CA LYS A 79 -6.60 -17.34 14.67
C LYS A 79 -7.76 -17.19 15.64
N ASN A 80 -8.53 -18.27 15.83
CA ASN A 80 -9.48 -18.34 16.93
C ASN A 80 -9.37 -19.75 17.50
N ASN A 81 -10.35 -20.19 18.29
CA ASN A 81 -10.26 -21.51 18.90
C ASN A 81 -10.43 -22.66 17.90
N TYR A 82 -10.87 -22.34 16.69
CA TYR A 82 -11.27 -23.34 15.70
C TYR A 82 -10.39 -23.40 14.46
N ARG A 83 -9.74 -22.28 14.12
CA ARG A 83 -9.07 -22.15 12.85
C ARG A 83 -7.87 -21.22 12.99
N ASN A 84 -6.95 -21.30 12.05
CA ASN A 84 -5.78 -20.44 12.06
C ASN A 84 -5.20 -20.36 10.66
N ALA A 85 -5.23 -19.18 10.08
CA ALA A 85 -4.71 -18.92 8.74
C ALA A 85 -3.26 -18.44 8.76
N HIS A 86 -2.68 -18.26 9.95
CA HIS A 86 -1.31 -17.82 10.08
C HIS A 86 -1.12 -16.54 9.33
N SER A 87 -1.99 -15.58 9.64
N SER A 87 -2.01 -15.59 9.64
CA SER A 87 -1.95 -14.29 9.00
CA SER A 87 -2.11 -14.34 8.90
C SER A 87 -2.69 -13.26 9.84
C SER A 87 -2.80 -13.27 9.75
N ALA A 88 -2.57 -12.00 9.44
CA ALA A 88 -3.20 -10.90 10.17
C ALA A 88 -3.45 -9.78 9.20
N THR A 89 -4.60 -9.15 9.35
CA THR A 89 -4.97 -7.95 8.62
C THR A 89 -4.98 -6.76 9.54
N THR A 90 -4.41 -5.68 9.05
CA THR A 90 -4.59 -4.37 9.65
C THR A 90 -5.35 -3.47 8.69
N TRP A 91 -6.30 -2.74 9.23
CA TRP A 91 -7.09 -1.76 8.50
C TRP A 91 -6.74 -0.36 9.04
N SER A 92 -6.40 0.56 8.13
CA SER A 92 -6.10 1.95 8.46
C SER A 92 -7.09 2.82 7.71
N GLY A 93 -7.75 3.74 8.41
CA GLY A 93 -8.74 4.53 7.73
C GLY A 93 -9.30 5.67 8.54
N GLN A 94 -10.48 6.08 8.14
CA GLN A 94 -11.18 7.12 8.88
C GLN A 94 -12.68 6.87 8.92
N TYR A 95 -13.26 7.22 10.06
CA TYR A 95 -14.71 7.23 10.27
C TYR A 95 -15.29 8.57 9.84
N VAL A 96 -16.35 8.51 9.03
CA VAL A 96 -17.02 9.69 8.49
C VAL A 96 -18.44 9.62 9.04
N GLY A 97 -18.82 10.61 9.85
CA GLY A 97 -20.12 10.57 10.48
C GLY A 97 -21.24 11.11 9.61
N GLY A 98 -22.42 11.20 10.21
CA GLY A 98 -23.58 11.73 9.53
C GLY A 98 -24.62 10.67 9.25
N ALA A 99 -25.57 11.02 8.38
CA ALA A 99 -26.71 10.17 8.10
C ALA A 99 -26.29 8.88 7.42
N GLU A 100 -25.29 8.98 6.55
CA GLU A 100 -24.73 7.81 5.86
C GLU A 100 -23.29 7.60 6.29
N ALA A 101 -23.15 7.32 7.57
CA ALA A 101 -21.85 7.14 8.18
C ALA A 101 -21.12 5.95 7.60
N ARG A 102 -19.81 6.09 7.54
CA ARG A 102 -18.97 5.07 6.94
C ARG A 102 -17.63 5.04 7.62
N ILE A 103 -16.97 3.89 7.51
CA ILE A 103 -15.55 3.78 7.85
C ILE A 103 -14.88 3.38 6.55
N ASN A 104 -14.01 4.26 6.04
CA ASN A 104 -13.27 4.00 4.78
C ASN A 104 -11.87 3.56 5.13
N THR A 105 -11.49 2.38 4.67
CA THR A 105 -10.19 1.82 5.02
C THR A 105 -9.38 1.34 3.83
N GLN A 106 -8.08 1.28 4.07
CA GLN A 106 -7.14 0.49 3.26
C GLN A 106 -6.55 -0.55 4.21
N TRP A 107 -6.23 -1.74 3.70
CA TRP A 107 -5.77 -2.78 4.58
C TRP A 107 -4.56 -3.50 4.03
N LEU A 108 -3.79 -4.08 4.95
CA LEU A 108 -2.65 -4.96 4.62
C LEU A 108 -2.86 -6.29 5.30
N LEU A 109 -2.77 -7.37 4.53
CA LEU A 109 -2.90 -8.72 5.07
C LEU A 109 -1.57 -9.43 4.91
N THR A 110 -0.86 -9.66 6.02
CA THR A 110 0.44 -10.35 5.98
C THR A 110 0.27 -11.77 6.47
N SER A 111 0.79 -12.69 5.68
CA SER A 111 0.84 -14.08 6.07
C SER A 111 2.24 -14.43 6.57
N GLY A 112 2.35 -15.36 7.53
CA GLY A 112 3.66 -15.86 7.90
C GLY A 112 4.23 -16.64 6.73
N THR A 113 5.47 -16.34 6.37
CA THR A 113 6.14 -17.00 5.24
C THR A 113 7.57 -17.40 5.60
N THR A 114 8.15 -18.26 4.78
CA THR A 114 9.59 -18.41 4.81
C THR A 114 10.24 -17.16 4.25
N GLU A 115 11.53 -17.03 4.52
CA GLU A 115 12.31 -15.92 3.95
C GLU A 115 12.22 -15.89 2.43
N ALA A 116 12.33 -17.05 1.80
CA ALA A 116 12.28 -17.17 0.34
C ALA A 116 10.98 -16.64 -0.25
N ASN A 117 9.88 -16.75 0.52
CA ASN A 117 8.57 -16.36 0.05
C ASN A 117 8.10 -15.02 0.62
N ALA A 118 8.98 -14.33 1.34
CA ALA A 118 8.58 -13.10 2.03
C ALA A 118 8.14 -12.04 1.03
N TRP A 119 8.64 -12.09 -0.20
CA TRP A 119 8.26 -11.05 -1.15
C TRP A 119 6.77 -11.10 -1.48
N LYS A 120 6.14 -12.25 -1.28
CA LYS A 120 4.71 -12.39 -1.56
C LYS A 120 3.90 -12.58 -0.28
N SER A 121 4.42 -12.07 0.83
CA SER A 121 3.75 -12.17 2.12
C SER A 121 2.50 -11.28 2.34
N THR A 122 2.42 -10.15 1.62
CA THR A 122 1.47 -9.08 1.98
C THR A 122 0.55 -8.64 0.84
N LEU A 123 -0.75 -8.84 1.05
CA LEU A 123 -1.78 -8.34 0.15
C LEU A 123 -2.23 -6.97 0.62
N VAL A 124 -2.66 -6.14 -0.32
CA VAL A 124 -3.18 -4.82 -0.03
C VAL A 124 -4.54 -4.69 -0.68
N GLY A 125 -5.44 -3.99 0.01
CA GLY A 125 -6.79 -3.78 -0.51
C GLY A 125 -7.49 -2.65 0.21
N HIS A 126 -8.79 -2.54 -0.01
CA HIS A 126 -9.60 -1.48 0.61
C HIS A 126 -10.98 -2.01 0.90
N ASP A 127 -11.59 -1.47 1.95
CA ASP A 127 -12.97 -1.82 2.26
C ASP A 127 -13.66 -0.63 2.90
N THR A 128 -14.94 -0.45 2.57
N THR A 128 -14.93 -0.43 2.54
CA THR A 128 -15.76 0.56 3.21
CA THR A 128 -15.78 0.52 3.21
C THR A 128 -16.90 -0.11 3.97
C THR A 128 -16.79 -0.24 4.04
N PHE A 129 -17.04 0.26 5.23
CA PHE A 129 -18.03 -0.31 6.11
C PHE A 129 -19.14 0.71 6.37
N THR A 130 -20.38 0.24 6.47
CA THR A 130 -21.56 1.09 6.74
C THR A 130 -22.34 0.55 7.97
N LYS A 131 -23.25 1.34 8.50
CA LYS A 131 -24.03 0.94 9.67
C LYS A 131 -25.31 0.18 9.30
N VAL A 132 -25.61 0.12 8.01
CA VAL A 132 -26.69 -0.69 7.48
C VAL A 132 -26.12 -1.66 6.46
N LYS A 133 -26.77 -2.80 6.28
CA LYS A 133 -26.31 -3.79 5.32
C LYS A 133 -26.42 -3.24 3.90
N PRO A 134 -25.39 -3.44 3.07
CA PRO A 134 -25.43 -2.87 1.72
C PRO A 134 -26.26 -3.74 0.78
N GLY B 4 9.22 -14.52 21.98
CA GLY B 4 10.14 -13.91 21.04
C GLY B 4 9.75 -12.48 20.75
N ILE B 5 8.46 -12.23 20.66
CA ILE B 5 7.97 -10.90 20.31
C ILE B 5 8.09 -9.89 21.46
N THR B 6 7.81 -10.33 22.69
CA THR B 6 7.90 -9.45 23.84
C THR B 6 9.29 -8.85 23.99
N GLY B 7 9.34 -7.54 24.13
CA GLY B 7 10.61 -6.85 24.26
C GLY B 7 10.61 -5.45 23.70
N THR B 8 11.81 -4.88 23.59
CA THR B 8 11.98 -3.54 23.05
C THR B 8 12.66 -3.65 21.71
N TRP B 9 12.03 -3.04 20.71
CA TRP B 9 12.49 -3.06 19.33
C TRP B 9 12.70 -1.67 18.83
N TYR B 10 13.52 -1.59 17.79
CA TYR B 10 13.85 -0.31 17.17
C TYR B 10 13.71 -0.44 15.68
N ASN B 11 13.09 0.53 15.03
CA ASN B 11 13.09 0.51 13.57
C ASN B 11 14.30 1.23 13.02
N GLN B 12 14.38 1.27 11.71
CA GLN B 12 15.57 1.73 11.00
C GLN B 12 15.81 3.21 11.20
N LEU B 13 14.79 3.93 11.65
CA LEU B 13 14.87 5.37 11.88
C LEU B 13 15.08 5.70 13.34
N GLY B 14 15.10 4.68 14.19
CA GLY B 14 15.39 4.88 15.61
C GLY B 14 14.17 4.90 16.51
N SER B 15 12.97 4.78 15.93
CA SER B 15 11.74 4.78 16.73
C SER B 15 11.77 3.55 17.63
N THR B 16 11.17 3.66 18.81
CA THR B 16 11.19 2.61 19.82
C THR B 16 9.80 2.00 20.06
N PHE B 17 9.75 0.66 19.94
CA PHE B 17 8.50 -0.12 19.98
C PHE B 17 8.65 -1.08 21.16
N ILE B 18 7.91 -0.78 22.24
CA ILE B 18 7.99 -1.57 23.46
C ILE B 18 6.70 -2.36 23.52
N VAL B 19 6.81 -3.67 23.39
CA VAL B 19 5.62 -4.51 23.20
C VAL B 19 5.64 -5.72 24.11
N THR B 20 4.43 -6.16 24.45
N THR B 20 4.45 -6.15 24.53
CA THR B 20 4.20 -7.36 25.23
CA THR B 20 4.33 -7.43 25.21
C THR B 20 3.23 -8.25 24.44
C THR B 20 3.25 -8.25 24.50
N ALA B 21 3.57 -9.53 24.30
CA ALA B 21 2.72 -10.45 23.58
C ALA B 21 2.05 -11.34 24.60
N GLY B 22 0.73 -11.23 24.69
CA GLY B 22 -0.06 -12.03 25.62
C GLY B 22 -0.32 -13.44 25.13
N ALA B 23 -0.71 -14.33 26.03
CA ALA B 23 -0.79 -15.76 25.70
C ALA B 23 -1.85 -16.06 24.64
N ASP B 24 -2.79 -15.14 24.66
CA ASP B 24 -4.01 -15.02 23.90
C ASP B 24 -3.96 -14.52 22.43
N GLY B 25 -2.86 -13.89 22.04
CA GLY B 25 -2.80 -13.17 20.79
C GLY B 25 -2.78 -11.66 20.94
N ALA B 26 -2.81 -11.14 22.16
CA ALA B 26 -2.84 -9.69 22.33
C ALA B 26 -1.45 -9.09 22.22
N LEU B 27 -1.33 -7.93 21.58
CA LEU B 27 -0.15 -7.07 21.67
C LEU B 27 -0.55 -5.77 22.37
N THR B 28 0.24 -5.36 23.36
CA THR B 28 0.07 -4.09 24.05
C THR B 28 1.43 -3.44 24.25
N GLY B 29 1.44 -2.13 24.42
CA GLY B 29 2.70 -1.45 24.68
C GLY B 29 2.67 0.01 24.31
N THR B 30 3.86 0.52 23.99
CA THR B 30 4.04 1.92 23.68
C THR B 30 4.96 2.06 22.48
N TYR B 31 4.75 3.15 21.77
CA TYR B 31 5.54 3.46 20.61
C TYR B 31 6.03 4.89 20.75
N GLU B 32 7.31 5.12 20.49
CA GLU B 32 7.86 6.46 20.46
C GLU B 32 8.50 6.68 19.10
N SER B 33 7.98 7.64 18.32
CA SER B 33 8.43 7.77 16.93
C SER B 33 9.65 8.69 16.88
N ALA B 34 10.52 8.43 15.93
CA ALA B 34 11.68 9.28 15.67
C ALA B 34 11.35 10.36 14.64
N VAL B 35 10.19 10.23 13.99
CA VAL B 35 9.80 11.16 12.91
C VAL B 35 8.30 11.47 12.93
N GLY B 36 7.90 12.48 12.15
CA GLY B 36 6.49 12.82 11.98
C GLY B 36 5.98 13.76 13.05
N ASN B 37 4.69 14.11 12.99
CA ASN B 37 4.06 14.97 13.98
C ASN B 37 3.76 14.17 15.25
N ALA B 38 4.79 13.94 16.04
CA ALA B 38 4.67 13.06 17.20
C ALA B 38 5.73 13.38 18.25
N GLU B 39 5.32 13.36 19.51
CA GLU B 39 6.27 13.58 20.60
C GLU B 39 5.86 12.81 21.84
N SER B 40 6.86 12.17 22.45
N SER B 40 6.86 12.18 22.45
CA SER B 40 6.67 11.30 23.61
CA SER B 40 6.67 11.31 23.60
C SER B 40 6.09 9.97 23.13
C SER B 40 6.09 9.97 23.13
N ARG B 41 5.63 9.18 24.09
CA ARG B 41 5.14 7.86 23.82
C ARG B 41 3.67 7.91 23.50
N TYR B 42 3.28 6.96 22.68
CA TYR B 42 1.88 6.70 22.36
C TYR B 42 1.51 5.26 22.69
N VAL B 43 0.25 5.06 22.99
CA VAL B 43 -0.26 3.72 23.23
C VAL B 43 -0.39 2.95 21.93
N LEU B 44 -0.09 1.66 21.99
CA LEU B 44 -0.38 0.75 20.87
C LEU B 44 -1.10 -0.47 21.35
N THR B 45 -1.95 -1.01 20.48
N THR B 45 -1.93 -1.01 20.46
CA THR B 45 -2.51 -2.34 20.66
CA THR B 45 -2.50 -2.32 20.63
C THR B 45 -2.58 -3.05 19.31
C THR B 45 -2.53 -3.05 19.30
N GLY B 46 -2.53 -4.38 19.37
CA GLY B 46 -2.53 -5.18 18.16
C GLY B 46 -2.78 -6.62 18.48
N ARG B 47 -2.50 -7.45 17.50
CA ARG B 47 -2.74 -8.89 17.60
C ARG B 47 -1.62 -9.67 16.91
N TYR B 48 -1.36 -10.89 17.35
CA TYR B 48 -0.38 -11.72 16.65
C TYR B 48 -0.88 -13.16 16.66
N ASP B 49 -0.34 -13.97 15.76
CA ASP B 49 -0.60 -15.42 15.71
C ASP B 49 0.13 -16.12 16.85
N SER B 50 -0.64 -16.56 17.85
CA SER B 50 -0.08 -17.18 19.04
C SER B 50 0.26 -18.65 18.85
N ALA B 51 0.00 -19.21 17.66
CA ALA B 51 0.35 -20.61 17.37
C ALA B 51 0.82 -20.70 15.92
N PRO B 52 2.00 -20.13 15.65
CA PRO B 52 2.47 -20.09 14.25
C PRO B 52 2.75 -21.48 13.68
N ALA B 53 2.91 -21.57 12.36
CA ALA B 53 3.26 -22.85 11.73
C ALA B 53 4.62 -23.31 12.23
N THR B 54 4.89 -24.60 12.06
CA THR B 54 6.14 -25.18 12.54
C THR B 54 7.02 -25.61 11.36
N ASP B 55 6.94 -24.86 10.25
CA ASP B 55 7.63 -25.20 9.01
C ASP B 55 8.70 -24.18 8.67
N GLY B 56 9.06 -23.33 9.61
CA GLY B 56 10.02 -22.28 9.33
C GLY B 56 9.44 -20.95 8.86
N SER B 57 8.12 -20.88 8.74
CA SER B 57 7.43 -19.62 8.48
C SER B 57 7.49 -18.64 9.67
N GLY B 58 7.38 -17.35 9.38
CA GLY B 58 7.35 -16.33 10.42
C GLY B 58 5.97 -16.26 11.07
N THR B 59 5.87 -15.35 12.03
CA THR B 59 4.68 -15.22 12.86
C THR B 59 3.97 -13.90 12.50
N ALA B 60 2.77 -14.05 11.95
CA ALA B 60 2.03 -12.87 11.50
C ALA B 60 1.57 -12.02 12.66
N LEU B 61 1.57 -10.71 12.44
CA LEU B 61 1.15 -9.79 13.48
C LEU B 61 0.80 -8.43 12.90
N GLY B 62 0.18 -7.61 13.74
CA GLY B 62 -0.03 -6.22 13.37
C GLY B 62 -0.41 -5.42 14.59
N TRP B 63 -0.20 -4.11 14.50
CA TRP B 63 -0.64 -3.22 15.57
C TRP B 63 -0.95 -1.82 15.06
N THR B 64 -1.61 -1.04 15.92
CA THR B 64 -2.06 0.32 15.59
C THR B 64 -1.56 1.30 16.65
N VAL B 65 -1.16 2.49 16.19
CA VAL B 65 -0.97 3.66 17.06
C VAL B 65 -1.86 4.78 16.51
N ALA B 66 -2.71 5.35 17.36
CA ALA B 66 -3.38 6.62 17.08
C ALA B 66 -2.52 7.72 17.67
N TRP B 67 -2.18 8.70 16.84
CA TRP B 67 -1.17 9.72 17.21
C TRP B 67 -1.76 10.85 18.07
N LYS B 68 -2.40 10.43 19.15
CA LYS B 68 -2.88 11.31 20.21
C LYS B 68 -2.31 10.80 21.52
N ASN B 69 -1.74 11.73 22.29
CA ASN B 69 -1.34 11.43 23.66
C ASN B 69 -1.65 12.68 24.51
N ASN B 70 -1.09 12.78 25.70
CA ASN B 70 -1.40 13.89 26.59
C ASN B 70 -0.79 15.23 26.15
N TYR B 71 0.04 15.19 25.11
CA TYR B 71 0.83 16.36 24.70
C TYR B 71 0.53 16.84 23.28
N ARG B 72 0.06 15.96 22.41
CA ARG B 72 -0.11 16.29 21.00
C ARG B 72 -1.22 15.45 20.40
N ASN B 73 -1.78 15.95 19.31
CA ASN B 73 -2.73 15.19 18.51
C ASN B 73 -2.59 15.53 17.04
N ALA B 74 -2.18 14.54 16.27
CA ALA B 74 -1.95 14.68 14.85
C ALA B 74 -3.16 14.30 14.02
N HIS B 75 -4.25 13.89 14.68
CA HIS B 75 -5.45 13.45 13.97
C HIS B 75 -5.11 12.42 12.89
N SER B 76 -4.40 11.38 13.32
N SER B 76 -4.39 11.38 13.31
CA SER B 76 -3.90 10.37 12.41
CA SER B 76 -3.84 10.38 12.42
C SER B 76 -3.56 9.08 13.15
C SER B 76 -3.70 9.07 13.17
N ALA B 77 -3.48 7.99 12.39
CA ALA B 77 -3.19 6.69 12.97
C ALA B 77 -2.37 5.88 12.00
N THR B 78 -1.43 5.10 12.53
CA THR B 78 -0.64 4.17 11.72
C THR B 78 -0.92 2.75 12.12
N THR B 79 -1.07 1.90 11.11
CA THR B 79 -1.09 0.46 11.31
C THR B 79 0.12 -0.17 10.68
N TRP B 80 0.76 -1.09 11.41
CA TRP B 80 1.85 -1.90 10.89
C TRP B 80 1.37 -3.35 10.75
N SER B 81 1.59 -3.94 9.58
CA SER B 81 1.28 -5.31 9.29
C SER B 81 2.57 -6.04 8.92
N GLY B 82 2.83 -7.20 9.49
CA GLY B 82 4.08 -7.85 9.19
C GLY B 82 4.23 -9.21 9.83
N GLN B 83 5.48 -9.64 9.93
CA GLN B 83 5.76 -10.93 10.54
C GLN B 83 7.06 -10.87 11.33
N TYR B 84 7.07 -11.55 12.46
CA TYR B 84 8.26 -11.78 13.27
C TYR B 84 8.99 -13.00 12.75
N VAL B 85 10.32 -12.85 12.58
CA VAL B 85 11.19 -13.89 12.06
C VAL B 85 12.18 -14.13 13.19
N GLY B 86 12.14 -15.32 13.77
CA GLY B 86 13.05 -15.65 14.84
C GLY B 86 14.38 -16.11 14.28
N GLY B 87 15.29 -16.51 15.17
CA GLY B 87 16.58 -17.03 14.77
C GLY B 87 17.66 -16.43 15.63
N ALA B 88 18.89 -16.46 15.14
CA ALA B 88 19.99 -15.82 15.83
C ALA B 88 19.63 -14.36 16.06
N GLU B 89 19.29 -13.69 14.97
CA GLU B 89 18.87 -12.29 15.02
C GLU B 89 17.41 -12.16 14.67
N ALA B 90 16.60 -11.97 15.70
CA ALA B 90 15.18 -11.76 15.52
C ALA B 90 14.89 -10.42 14.81
N ARG B 91 13.86 -10.44 13.97
CA ARG B 91 13.45 -9.26 13.22
C ARG B 91 11.93 -9.25 13.11
N ILE B 92 11.36 -8.06 13.06
CA ILE B 92 9.98 -7.89 12.64
C ILE B 92 9.97 -7.04 11.38
N ASN B 93 9.50 -7.64 10.29
CA ASN B 93 9.44 -6.99 8.98
C ASN B 93 8.02 -6.54 8.74
N THR B 94 7.85 -5.25 8.49
CA THR B 94 6.51 -4.68 8.34
C THR B 94 6.32 -3.78 7.14
N GLN B 95 5.06 -3.63 6.76
N GLN B 95 5.05 -3.66 6.78
CA GLN B 95 4.65 -2.52 5.92
CA GLN B 95 4.55 -2.62 5.91
C GLN B 95 3.54 -1.81 6.69
C GLN B 95 3.67 -1.77 6.83
N TRP B 96 3.45 -0.49 6.50
CA TRP B 96 2.54 0.32 7.29
C TRP B 96 1.71 1.24 6.44
N LEU B 97 0.58 1.65 7.02
CA LEU B 97 -0.35 2.62 6.45
C LEU B 97 -0.63 3.71 7.48
N LEU B 98 -0.38 4.96 7.12
CA LEU B 98 -0.64 6.08 8.02
C LEU B 98 -1.79 6.90 7.43
N THR B 99 -2.96 6.89 8.08
CA THR B 99 -4.12 7.62 7.59
C THR B 99 -4.33 8.85 8.47
N SER B 100 -4.46 10.01 7.84
CA SER B 100 -4.86 11.23 8.52
C SER B 100 -6.31 11.54 8.25
N GLY B 101 -6.99 12.10 9.24
CA GLY B 101 -8.33 12.63 9.01
C GLY B 101 -8.29 13.66 7.90
N THR B 102 -9.19 13.52 6.92
CA THR B 102 -9.32 14.50 5.85
C THR B 102 -10.80 14.77 5.60
N THR B 103 -11.06 15.89 4.92
CA THR B 103 -12.37 16.10 4.34
C THR B 103 -12.55 15.10 3.20
N GLU B 104 -13.77 14.97 2.69
CA GLU B 104 -14.00 14.01 1.61
C GLU B 104 -13.26 14.42 0.32
N ALA B 105 -13.14 15.71 0.07
CA ALA B 105 -12.50 16.17 -1.17
C ALA B 105 -11.03 15.77 -1.17
N ASN B 106 -10.46 15.67 0.02
CA ASN B 106 -9.03 15.38 0.17
C ASN B 106 -8.73 13.95 0.55
N ALA B 107 -9.72 13.07 0.53
CA ALA B 107 -9.51 11.72 1.02
C ALA B 107 -8.48 10.98 0.18
N TRP B 108 -8.34 11.35 -1.09
CA TRP B 108 -7.37 10.69 -1.97
C TRP B 108 -5.94 10.83 -1.46
N LYS B 109 -5.65 11.88 -0.69
CA LYS B 109 -4.32 12.08 -0.12
C LYS B 109 -4.22 11.85 1.40
N SER B 110 -5.09 10.99 1.90
CA SER B 110 -5.17 10.72 3.33
C SER B 110 -4.14 9.73 3.86
N THR B 111 -3.60 8.89 2.99
CA THR B 111 -2.87 7.68 3.44
C THR B 111 -1.48 7.56 2.86
N LEU B 112 -0.49 7.56 3.73
CA LEU B 112 0.90 7.23 3.38
C LEU B 112 1.16 5.74 3.56
N VAL B 113 2.06 5.20 2.73
CA VAL B 113 2.52 3.81 2.87
C VAL B 113 4.04 3.73 2.95
N GLY B 114 4.52 2.77 3.73
CA GLY B 114 5.94 2.56 3.86
C GLY B 114 6.23 1.18 4.44
N HIS B 115 7.51 1.00 4.75
CA HIS B 115 7.99 -0.28 5.28
C HIS B 115 9.02 -0.03 6.37
N ASP B 116 8.90 -0.75 7.49
CA ASP B 116 9.81 -0.64 8.61
C ASP B 116 10.31 -2.02 8.99
N THR B 117 11.61 -2.12 9.28
CA THR B 117 12.17 -3.34 9.83
C THR B 117 12.64 -3.01 11.25
N PHE B 118 12.18 -3.85 12.19
CA PHE B 118 12.48 -3.70 13.60
C PHE B 118 13.45 -4.79 14.03
N THR B 119 14.44 -4.40 14.84
CA THR B 119 15.38 -5.34 15.46
C THR B 119 15.54 -4.98 16.93
N LYS B 120 16.18 -5.83 17.72
CA LYS B 120 16.34 -5.54 19.14
C LYS B 120 17.57 -4.66 19.42
N VAL B 121 18.31 -4.30 18.38
CA VAL B 121 19.39 -3.33 18.49
C VAL B 121 19.03 -2.02 17.79
N LYS B 122 19.55 -0.93 18.32
CA LYS B 122 19.40 0.37 17.68
C LYS B 122 20.14 0.41 16.34
N PRO B 123 19.60 1.17 15.38
CA PRO B 123 20.23 1.25 14.06
C PRO B 123 21.51 2.09 14.07
N SER B 124 22.38 1.84 13.10
CA SER B 124 23.54 2.73 12.88
C SER B 124 24.32 3.05 14.16
N GLU C 2 21.71 15.43 -16.96
CA GLU C 2 22.32 14.14 -16.66
C GLU C 2 21.56 13.40 -15.55
N ALA C 3 20.61 12.57 -15.95
CA ALA C 3 19.69 11.95 -14.99
C ALA C 3 20.37 10.88 -14.11
N GLY C 4 21.35 10.14 -14.65
CA GLY C 4 22.06 9.11 -13.89
C GLY C 4 21.30 7.79 -13.80
N ILE C 5 20.15 7.73 -14.46
CA ILE C 5 19.25 6.58 -14.38
C ILE C 5 19.56 5.53 -15.46
N THR C 6 19.95 5.96 -16.64
CA THR C 6 20.21 5.05 -17.72
C THR C 6 21.29 4.07 -17.32
N GLY C 7 21.03 2.79 -17.57
CA GLY C 7 21.98 1.72 -17.32
C GLY C 7 21.33 0.53 -16.66
N THR C 8 22.17 -0.29 -16.04
CA THR C 8 21.77 -1.56 -15.45
C THR C 8 21.63 -1.43 -13.95
N TRP C 9 20.54 -1.99 -13.41
CA TRP C 9 20.21 -1.89 -11.99
C TRP C 9 19.93 -3.29 -11.44
N TYR C 10 20.38 -3.51 -10.21
CA TYR C 10 20.27 -4.81 -9.56
C TYR C 10 19.46 -4.71 -8.28
N ALA C 11 18.49 -5.62 -8.16
CA ALA C 11 17.65 -5.74 -6.96
C ALA C 11 18.36 -6.60 -5.94
N GLN C 12 17.94 -6.53 -4.69
CA GLN C 12 18.64 -7.23 -3.61
C GLN C 12 18.66 -8.75 -3.76
N LEU C 13 17.70 -9.33 -4.50
CA LEU C 13 17.54 -10.80 -4.55
C LEU C 13 17.69 -11.48 -5.92
N GLY C 14 18.35 -10.83 -6.86
CA GLY C 14 18.71 -11.47 -8.11
C GLY C 14 18.15 -10.83 -9.37
N ASP C 15 17.08 -10.06 -9.24
CA ASP C 15 16.48 -9.40 -10.40
C ASP C 15 17.41 -8.31 -10.95
N THR C 16 17.31 -8.08 -12.25
N THR C 16 17.31 -8.09 -12.26
CA THR C 16 18.06 -7.03 -12.90
CA THR C 16 18.11 -7.10 -12.97
C THR C 16 17.17 -6.36 -13.91
C THR C 16 17.24 -6.38 -13.98
N PHE C 17 17.43 -5.07 -14.16
CA PHE C 17 16.85 -4.44 -15.30
C PHE C 17 17.81 -3.48 -15.94
N ILE C 18 17.59 -3.27 -17.23
N ILE C 18 17.54 -3.22 -17.22
CA ILE C 18 18.33 -2.26 -17.94
CA ILE C 18 18.35 -2.30 -18.00
C ILE C 18 17.28 -1.26 -18.39
C ILE C 18 17.38 -1.28 -18.60
N VAL C 19 17.66 0.00 -18.38
CA VAL C 19 16.74 1.08 -18.72
C VAL C 19 17.47 2.21 -19.41
N THR C 20 16.73 2.86 -20.30
CA THR C 20 17.15 4.12 -20.88
C THR C 20 16.20 5.19 -20.43
N ALA C 21 16.75 6.25 -19.86
CA ALA C 21 16.00 7.45 -19.46
C ALA C 21 16.07 8.50 -20.58
N GLY C 22 14.96 8.65 -21.31
CA GLY C 22 14.89 9.61 -22.40
C GLY C 22 14.83 11.05 -21.91
N ALA C 23 15.25 11.99 -22.76
CA ALA C 23 15.35 13.39 -22.37
C ALA C 23 14.00 13.99 -21.96
N ASP C 24 12.94 13.38 -22.47
CA ASP C 24 11.55 13.83 -22.27
C ASP C 24 10.85 13.31 -21.01
N GLY C 25 11.44 12.33 -20.36
CA GLY C 25 10.82 11.71 -19.20
C GLY C 25 10.50 10.24 -19.43
N ALA C 26 10.82 9.69 -20.60
CA ALA C 26 10.53 8.28 -20.89
C ALA C 26 11.49 7.32 -20.20
N LEU C 27 10.97 6.22 -19.67
CA LEU C 27 11.79 5.06 -19.29
C LEU C 27 11.43 3.89 -20.17
N THR C 28 12.41 3.28 -20.83
N THR C 28 12.44 3.23 -20.69
CA THR C 28 12.21 2.10 -21.66
CA THR C 28 12.26 2.15 -21.63
C THR C 28 13.33 1.08 -21.51
C THR C 28 13.32 1.10 -21.31
N GLY C 29 12.96 -0.18 -21.35
CA GLY C 29 13.96 -1.21 -21.14
C GLY C 29 13.41 -2.60 -20.98
N THR C 30 14.18 -3.42 -20.28
CA THR C 30 13.89 -4.82 -20.09
C THR C 30 14.13 -5.16 -18.64
N TYR C 31 13.25 -5.98 -18.06
CA TYR C 31 13.42 -6.51 -16.71
C TYR C 31 13.65 -8.00 -16.77
N GLU C 32 14.71 -8.46 -16.12
CA GLU C 32 14.95 -9.89 -16.01
C GLU C 32 14.73 -10.39 -14.60
N ALA C 33 13.75 -11.27 -14.43
CA ALA C 33 13.42 -11.81 -13.13
C ALA C 33 14.35 -12.98 -12.79
N ALA C 34 14.68 -13.11 -11.51
CA ALA C 34 15.42 -14.26 -10.99
C ALA C 34 14.49 -15.10 -10.14
N GLY C 48 19.01 -15.57 -20.12
CA GLY C 48 17.70 -16.07 -19.69
C GLY C 48 16.59 -15.23 -20.29
N ALA C 49 16.44 -15.34 -21.61
CA ALA C 49 15.42 -14.59 -22.33
C ALA C 49 14.02 -15.01 -21.90
N GLU C 50 13.91 -16.23 -21.37
CA GLU C 50 12.64 -16.71 -20.89
C GLU C 50 12.20 -15.90 -19.70
N SER C 51 13.16 -15.24 -19.07
CA SER C 51 12.92 -14.48 -17.85
C SER C 51 12.97 -12.97 -18.10
N ARG C 52 12.99 -12.56 -19.37
CA ARG C 52 13.05 -11.12 -19.71
C ARG C 52 11.71 -10.60 -20.18
N TYR C 53 11.37 -9.39 -19.72
CA TYR C 53 10.07 -8.76 -19.97
C TYR C 53 10.28 -7.26 -20.27
N VAL C 54 9.40 -6.73 -21.12
CA VAL C 54 9.38 -5.31 -21.46
C VAL C 54 9.06 -4.44 -20.24
N LEU C 55 9.81 -3.36 -20.06
CA LEU C 55 9.61 -2.38 -19.01
C LEU C 55 9.37 -1.03 -19.63
N THR C 56 8.42 -0.31 -19.06
N THR C 56 8.34 -0.33 -19.17
CA THR C 56 8.10 1.03 -19.52
CA THR C 56 8.10 1.04 -19.60
C THR C 56 7.70 1.86 -18.34
C THR C 56 7.58 1.90 -18.47
N GLY C 57 8.00 3.15 -18.41
CA GLY C 57 7.57 4.06 -17.37
C GLY C 57 7.94 5.50 -17.66
N ARG C 58 7.97 6.31 -16.61
CA ARG C 58 8.19 7.75 -16.72
C ARG C 58 9.00 8.19 -15.51
N TYR C 59 9.76 9.27 -15.69
CA TYR C 59 10.52 9.85 -14.61
C TYR C 59 10.44 11.39 -14.70
N ASP C 60 10.72 12.04 -13.60
CA ASP C 60 10.83 13.51 -13.59
C ASP C 60 12.17 13.91 -14.21
N SER C 61 12.11 14.45 -15.43
CA SER C 61 13.32 14.88 -16.15
C SER C 61 13.83 16.26 -15.73
N ALA C 62 13.12 16.95 -14.84
CA ALA C 62 13.64 18.21 -14.29
C ALA C 62 13.45 18.24 -12.78
N PRO C 63 14.19 17.39 -12.06
CA PRO C 63 14.03 17.25 -10.62
C PRO C 63 14.44 18.52 -9.89
N ALA C 64 13.97 18.66 -8.66
CA ALA C 64 14.37 19.76 -7.80
C ALA C 64 15.88 19.72 -7.56
N THR C 65 16.44 20.87 -7.20
CA THR C 65 17.88 20.99 -6.98
C THR C 65 18.13 21.34 -5.52
N ASP C 66 17.27 20.82 -4.65
CA ASP C 66 17.32 21.09 -3.21
C ASP C 66 17.80 19.87 -2.43
N GLY C 67 18.32 18.86 -3.11
CA GLY C 67 18.74 17.63 -2.48
C GLY C 67 17.72 16.49 -2.52
N SER C 68 16.54 16.75 -3.07
CA SER C 68 15.48 15.72 -3.19
C SER C 68 15.83 14.69 -4.27
N GLY C 69 15.28 13.48 -4.14
CA GLY C 69 15.48 12.45 -5.15
C GLY C 69 14.62 12.74 -6.36
N THR C 70 14.75 11.88 -7.37
CA THR C 70 14.07 12.02 -8.64
C THR C 70 12.93 11.01 -8.71
N ALA C 71 11.69 11.48 -8.73
CA ALA C 71 10.52 10.61 -8.77
C ALA C 71 10.45 9.86 -10.11
N LEU C 72 10.07 8.58 -10.04
CA LEU C 72 9.93 7.76 -11.23
C LEU C 72 8.99 6.58 -10.93
N GLY C 73 8.49 5.96 -11.98
CA GLY C 73 7.73 4.72 -11.85
C GLY C 73 7.84 3.93 -13.14
N TRP C 74 7.62 2.62 -13.07
CA TRP C 74 7.53 1.82 -14.27
C TRP C 74 6.69 0.58 -14.05
N THR C 75 6.29 -0.02 -15.16
CA THR C 75 5.44 -1.20 -15.15
C THR C 75 6.09 -2.33 -15.95
N VAL C 76 5.89 -3.56 -15.47
CA VAL C 76 6.18 -4.76 -16.24
C VAL C 76 4.95 -5.63 -16.20
N ALA C 77 4.40 -5.99 -17.35
CA ALA C 77 3.37 -7.05 -17.42
C ALA C 77 4.13 -8.34 -17.63
N TRP C 78 3.79 -9.35 -16.82
CA TRP C 78 4.54 -10.59 -16.77
C TRP C 78 4.13 -11.57 -17.87
N LYS C 79 4.14 -11.06 -19.09
CA LYS C 79 3.98 -11.87 -20.29
C LYS C 79 5.13 -11.58 -21.22
N ASN C 80 5.74 -12.63 -21.75
CA ASN C 80 6.70 -12.48 -22.85
C ASN C 80 6.32 -13.52 -23.89
N ASN C 81 7.24 -13.83 -24.80
CA ASN C 81 6.96 -14.80 -25.85
C ASN C 81 6.91 -16.25 -25.33
N TYR C 82 7.26 -16.48 -24.07
CA TYR C 82 7.45 -17.84 -23.54
C TYR C 82 6.53 -18.19 -22.38
N ARG C 83 6.05 -17.17 -21.66
CA ARG C 83 5.30 -17.41 -20.42
C ARG C 83 4.30 -16.29 -20.23
N ASN C 84 3.24 -16.55 -19.49
CA ASN C 84 2.28 -15.51 -19.14
C ASN C 84 1.72 -15.75 -17.75
N ALA C 85 2.07 -14.89 -16.79
CA ALA C 85 1.58 -15.04 -15.41
C ALA C 85 0.27 -14.30 -15.20
N HIS C 86 -0.26 -13.65 -16.23
CA HIS C 86 -1.50 -12.90 -16.13
C HIS C 86 -1.47 -11.96 -14.94
N SER C 87 -0.43 -11.12 -14.91
N SER C 87 -0.40 -11.15 -14.90
CA SER C 87 -0.21 -10.20 -13.81
CA SER C 87 -0.13 -10.26 -13.80
C SER C 87 0.79 -9.14 -14.22
C SER C 87 0.68 -9.07 -14.31
N ALA C 88 0.77 -8.02 -13.51
CA ALA C 88 1.63 -6.90 -13.80
C ALA C 88 2.10 -6.28 -12.49
N THR C 89 3.36 -5.85 -12.44
CA THR C 89 3.88 -5.09 -11.32
C THR C 89 4.14 -3.66 -11.73
N THR C 90 3.81 -2.74 -10.83
CA THR C 90 4.26 -1.35 -10.96
C THR C 90 5.18 -1.00 -9.81
N TRP C 91 6.28 -0.32 -10.13
CA TRP C 91 7.17 0.21 -9.10
C TRP C 91 7.08 1.72 -9.09
N SER C 92 6.93 2.31 -7.91
CA SER C 92 6.86 3.75 -7.74
C SER C 92 7.95 4.15 -6.75
N GLY C 93 8.79 5.11 -7.09
CA GLY C 93 9.90 5.36 -6.18
C GLY C 93 10.67 6.60 -6.53
N GLN C 94 11.89 6.63 -6.04
CA GLN C 94 12.77 7.74 -6.38
C GLN C 94 14.21 7.28 -6.50
N TYR C 95 14.88 7.94 -7.43
CA TYR C 95 16.30 7.78 -7.70
C TYR C 95 17.08 8.74 -6.84
N VAL C 96 18.12 8.23 -6.20
CA VAL C 96 19.01 9.04 -5.37
C VAL C 96 20.42 8.85 -5.91
N GLY C 97 21.05 9.94 -6.35
CA GLY C 97 22.37 9.85 -6.97
C GLY C 97 23.50 9.86 -5.96
N GLY C 98 24.74 9.75 -6.46
CA GLY C 98 25.93 9.75 -5.62
C GLY C 98 26.80 8.54 -5.88
N ALA C 99 27.78 8.32 -5.01
CA ALA C 99 28.71 7.22 -5.17
C ALA C 99 27.92 5.92 -5.05
N GLU C 100 27.04 5.89 -4.07
CA GLU C 100 26.16 4.77 -3.84
C GLU C 100 24.75 5.14 -4.34
N ALA C 101 24.63 5.35 -5.64
CA ALA C 101 23.34 5.64 -6.24
C ALA C 101 22.37 4.48 -6.03
N ARG C 102 21.09 4.79 -5.94
CA ARG C 102 20.08 3.75 -5.73
C ARG C 102 18.72 4.23 -6.19
N ILE C 103 17.87 3.25 -6.45
CA ILE C 103 16.48 3.52 -6.71
C ILE C 103 15.68 2.79 -5.65
N ASN C 104 15.01 3.59 -4.82
CA ASN C 104 14.18 3.06 -3.75
C ASN C 104 12.72 3.04 -4.21
N THR C 105 12.13 1.85 -4.17
CA THR C 105 10.77 1.67 -4.65
C THR C 105 9.86 0.94 -3.70
N GLN C 106 8.58 1.23 -3.87
CA GLN C 106 7.53 0.35 -3.39
C GLN C 106 6.76 -0.14 -4.62
N TRP C 107 6.22 -1.34 -4.54
CA TRP C 107 5.58 -1.92 -5.73
C TRP C 107 4.23 -2.57 -5.43
N LEU C 108 3.42 -2.71 -6.49
CA LEU C 108 2.12 -3.36 -6.43
C LEU C 108 2.08 -4.37 -7.55
N LEU C 109 1.78 -5.62 -7.22
CA LEU C 109 1.66 -6.67 -8.21
C LEU C 109 0.24 -7.12 -8.27
N THR C 110 -0.46 -6.87 -9.37
CA THR C 110 -1.87 -7.25 -9.50
C THR C 110 -2.00 -8.40 -10.46
N SER C 111 -2.70 -9.46 -10.03
CA SER C 111 -2.99 -10.59 -10.91
C SER C 111 -4.41 -10.48 -11.38
N GLY C 112 -4.68 -10.93 -12.59
CA GLY C 112 -6.06 -10.97 -13.05
C GLY C 112 -6.80 -12.01 -12.22
N THR C 113 -7.97 -11.62 -11.71
CA THR C 113 -8.77 -12.52 -10.90
C THR C 113 -10.23 -12.38 -11.32
N THR C 114 -11.08 -13.33 -10.88
CA THR C 114 -12.51 -13.15 -10.93
C THR C 114 -12.89 -12.12 -9.86
N GLU C 115 -14.10 -11.58 -9.92
CA GLU C 115 -14.52 -10.58 -8.94
C GLU C 115 -14.52 -11.17 -7.53
N ALA C 116 -14.90 -12.44 -7.42
CA ALA C 116 -15.00 -13.08 -6.11
C ALA C 116 -13.64 -13.17 -5.43
N ASN C 117 -12.58 -13.15 -6.24
CA ASN C 117 -11.23 -13.28 -5.71
C ASN C 117 -10.46 -11.96 -5.78
N ALA C 118 -11.15 -10.88 -6.12
CA ALA C 118 -10.45 -9.60 -6.37
C ALA C 118 -9.81 -9.11 -5.08
N TRP C 119 -10.37 -9.51 -3.95
CA TRP C 119 -9.85 -9.01 -2.69
C TRP C 119 -8.42 -9.48 -2.47
N LYS C 120 -7.98 -10.58 -3.12
CA LYS C 120 -6.60 -11.05 -3.02
C LYS C 120 -5.81 -10.93 -4.36
N SER C 121 -6.16 -9.92 -5.13
CA SER C 121 -5.54 -9.71 -6.44
C SER C 121 -4.17 -9.02 -6.35
N THR C 122 -3.86 -8.33 -5.25
CA THR C 122 -2.76 -7.37 -5.27
C THR C 122 -1.81 -7.50 -4.11
N LEU C 123 -0.57 -7.85 -4.41
CA LEU C 123 0.51 -7.87 -3.45
C LEU C 123 1.21 -6.52 -3.41
N VAL C 124 1.73 -6.18 -2.23
CA VAL C 124 2.55 -4.98 -2.05
C VAL C 124 3.89 -5.35 -1.46
N GLY C 125 4.90 -4.61 -1.90
CA GLY C 125 6.23 -4.80 -1.36
C GLY C 125 7.14 -3.64 -1.68
N HIS C 126 8.43 -3.86 -1.50
CA HIS C 126 9.43 -2.82 -1.71
C HIS C 126 10.70 -3.45 -2.21
N ASP C 127 11.45 -2.69 -2.98
CA ASP C 127 12.76 -3.15 -3.46
C ASP C 127 13.67 -1.96 -3.65
N THR C 128 14.94 -2.14 -3.32
CA THR C 128 15.96 -1.15 -3.59
C THR C 128 16.88 -1.70 -4.66
N PHE C 129 17.20 -0.86 -5.65
CA PHE C 129 18.10 -1.24 -6.74
C PHE C 129 19.39 -0.43 -6.64
N THR C 130 20.50 -1.10 -6.95
CA THR C 130 21.84 -0.49 -6.96
C THR C 130 22.54 -0.75 -8.30
N LYS C 131 23.65 -0.05 -8.53
CA LYS C 131 24.36 -0.18 -9.78
C LYS C 131 25.37 -1.31 -9.76
N VAL C 132 25.68 -1.82 -8.58
CA VAL C 132 26.48 -3.05 -8.47
C VAL C 132 25.65 -4.10 -7.73
N LYS C 133 25.94 -5.37 -7.96
CA LYS C 133 25.14 -6.44 -7.38
C LYS C 133 25.31 -6.51 -5.88
N GLY D 4 -10.81 -4.20 -24.87
CA GLY D 4 -11.78 -3.23 -24.43
C GLY D 4 -11.12 -2.10 -23.63
N ILE D 5 -9.81 -2.20 -23.44
CA ILE D 5 -9.08 -1.19 -22.70
C ILE D 5 -8.97 0.14 -23.46
N THR D 6 -8.74 0.08 -24.76
CA THR D 6 -8.57 1.31 -25.52
C THR D 6 -9.83 2.18 -25.41
N GLY D 7 -9.62 3.44 -25.07
CA GLY D 7 -10.71 4.39 -24.97
C GLY D 7 -10.48 5.47 -23.94
N THR D 8 -11.54 6.21 -23.65
CA THR D 8 -11.50 7.25 -22.65
C THR D 8 -12.23 6.78 -21.39
N TRP D 9 -11.55 6.93 -20.25
CA TRP D 9 -12.02 6.46 -18.95
C TRP D 9 -12.00 7.60 -17.95
N TYR D 10 -12.84 7.49 -16.91
CA TYR D 10 -12.86 8.48 -15.82
C TYR D 10 -12.82 7.77 -14.49
N ASN D 11 -12.07 8.31 -13.52
CA ASN D 11 -12.13 7.76 -12.17
C ASN D 11 -13.20 8.47 -11.33
N GLN D 12 -13.32 8.03 -10.08
CA GLN D 12 -14.40 8.48 -9.21
C GLN D 12 -14.28 9.97 -8.84
N LEU D 13 -13.12 10.56 -9.08
CA LEU D 13 -12.90 11.98 -8.82
C LEU D 13 -13.09 12.85 -10.08
N GLY D 14 -13.36 12.21 -11.21
CA GLY D 14 -13.46 12.93 -12.47
C GLY D 14 -12.18 13.09 -13.28
N SER D 15 -11.11 12.42 -12.87
CA SER D 15 -9.88 12.42 -13.68
C SER D 15 -10.13 11.68 -15.01
N THR D 16 -9.45 12.15 -16.06
CA THR D 16 -9.62 11.62 -17.42
C THR D 16 -8.37 10.88 -17.86
N PHE D 17 -8.57 9.62 -18.20
CA PHE D 17 -7.52 8.66 -18.58
C PHE D 17 -7.81 8.26 -20.02
N ILE D 18 -7.01 8.76 -20.95
CA ILE D 18 -7.16 8.43 -22.36
C ILE D 18 -6.05 7.47 -22.74
N VAL D 19 -6.40 6.27 -23.12
CA VAL D 19 -5.41 5.23 -23.29
C VAL D 19 -5.62 4.44 -24.57
N THR D 20 -4.51 4.01 -25.14
CA THR D 20 -4.53 3.10 -26.25
C THR D 20 -3.77 1.83 -25.90
N ALA D 21 -4.39 0.68 -26.13
CA ALA D 21 -3.73 -0.60 -25.90
C ALA D 21 -3.19 -1.15 -27.20
N GLY D 22 -1.88 -1.31 -27.26
CA GLY D 22 -1.20 -1.74 -28.47
C GLY D 22 -1.22 -3.26 -28.50
N ALA D 23 -1.11 -3.83 -29.70
CA ALA D 23 -1.22 -5.27 -29.84
C ALA D 23 -0.08 -6.00 -29.12
N ASP D 24 1.00 -5.26 -28.88
CA ASP D 24 2.23 -5.78 -28.29
C ASP D 24 2.29 -5.62 -26.76
N GLY D 25 1.15 -5.30 -26.14
CA GLY D 25 1.11 -5.12 -24.69
C GLY D 25 1.38 -3.71 -24.20
N ALA D 26 1.61 -2.74 -25.08
CA ALA D 26 1.89 -1.40 -24.66
C ALA D 26 0.64 -0.62 -24.31
N LEU D 27 0.71 0.20 -23.28
CA LEU D 27 -0.28 1.22 -23.03
C LEU D 27 0.35 2.59 -23.26
N THR D 28 -0.35 3.46 -23.99
CA THR D 28 0.10 4.81 -24.22
C THR D 28 -1.10 5.74 -24.10
N GLY D 29 -0.85 7.00 -23.78
CA GLY D 29 -1.91 7.99 -23.80
C GLY D 29 -1.66 9.17 -22.90
N THR D 30 -2.76 9.75 -22.40
CA THR D 30 -2.65 10.89 -21.52
C THR D 30 -3.58 10.80 -20.32
N TYR D 31 -3.17 11.49 -19.26
CA TYR D 31 -3.90 11.54 -18.00
C TYR D 31 -4.10 12.99 -17.57
N GLU D 32 -5.32 13.36 -17.20
CA GLU D 32 -5.58 14.70 -16.69
C GLU D 32 -6.24 14.57 -15.33
N SER D 33 -5.59 15.11 -14.29
CA SER D 33 -6.06 14.85 -12.93
C SER D 33 -7.01 15.91 -12.45
N ALA D 34 -8.07 15.47 -11.77
CA ALA D 34 -9.06 16.38 -11.18
C ALA D 34 -8.59 16.93 -9.85
N VAL D 35 -7.57 16.31 -9.27
CA VAL D 35 -7.03 16.71 -7.99
C VAL D 35 -5.50 16.79 -8.03
N GLY D 36 -4.91 17.46 -7.03
CA GLY D 36 -3.47 17.50 -6.86
C GLY D 36 -2.79 18.64 -7.59
N ASN D 37 -1.46 18.63 -7.48
CA ASN D 37 -0.62 19.65 -8.12
C ASN D 37 -0.45 19.28 -9.59
N ALA D 38 -1.50 19.55 -10.37
CA ALA D 38 -1.55 19.08 -11.75
C ALA D 38 -2.46 19.94 -12.61
N GLU D 39 -2.02 20.24 -13.82
CA GLU D 39 -2.81 21.03 -14.76
C GLU D 39 -2.64 20.46 -16.16
N SER D 40 -3.77 20.30 -16.86
N SER D 40 -3.75 20.33 -16.88
CA SER D 40 -3.77 19.81 -18.23
CA SER D 40 -3.73 19.85 -18.26
C SER D 40 -3.32 18.36 -18.31
C SER D 40 -3.33 18.37 -18.31
N ARG D 41 -2.99 17.90 -19.51
CA ARG D 41 -2.61 16.52 -19.76
C ARG D 41 -1.17 16.18 -19.43
N TYR D 42 -0.98 14.97 -18.93
CA TYR D 42 0.36 14.42 -18.71
C TYR D 42 0.48 13.14 -19.51
N VAL D 43 1.70 12.86 -19.99
CA VAL D 43 2.00 11.61 -20.70
C VAL D 43 1.93 10.42 -19.74
N LEU D 44 1.34 9.33 -20.19
CA LEU D 44 1.46 8.06 -19.49
C LEU D 44 1.97 6.97 -20.41
N THR D 45 2.57 5.96 -19.78
N THR D 45 2.65 5.98 -19.82
CA THR D 45 3.00 4.76 -20.46
CA THR D 45 2.96 4.74 -20.50
C THR D 45 2.83 3.59 -19.48
C THR D 45 2.82 3.59 -19.49
N GLY D 46 2.58 2.40 -20.01
CA GLY D 46 2.38 1.24 -19.17
C GLY D 46 2.33 -0.01 -20.00
N ARG D 47 1.86 -1.08 -19.39
CA ARG D 47 1.80 -2.39 -20.03
C ARG D 47 0.52 -3.07 -19.59
N TYR D 48 0.01 -3.98 -20.41
CA TYR D 48 -1.11 -4.83 -20.03
C TYR D 48 -0.90 -6.24 -20.58
N ASP D 49 -1.63 -7.19 -20.04
CA ASP D 49 -1.59 -8.58 -20.52
C ASP D 49 -2.40 -8.68 -21.80
N SER D 50 -1.72 -8.85 -22.93
CA SER D 50 -2.40 -8.86 -24.22
C SER D 50 -3.01 -10.23 -24.55
N ALA D 51 -2.82 -11.20 -23.67
CA ALA D 51 -3.40 -12.53 -23.83
C ALA D 51 -3.95 -13.07 -22.52
N PRO D 52 -5.01 -12.41 -22.00
CA PRO D 52 -5.50 -12.76 -20.66
C PRO D 52 -6.11 -14.16 -20.59
N ALA D 53 -6.31 -14.63 -19.37
CA ALA D 53 -7.03 -15.86 -19.14
C ALA D 53 -8.44 -15.78 -19.72
N THR D 54 -8.99 -16.96 -19.99
CA THR D 54 -10.32 -17.09 -20.55
C THR D 54 -11.23 -17.77 -19.52
N ASP D 55 -10.75 -17.82 -18.29
CA ASP D 55 -11.47 -18.49 -17.20
C ASP D 55 -12.36 -17.56 -16.39
N GLY D 56 -12.60 -16.36 -16.88
CA GLY D 56 -13.42 -15.39 -16.17
C GLY D 56 -12.65 -14.32 -15.41
N SER D 57 -11.31 -14.41 -15.44
CA SER D 57 -10.44 -13.43 -14.80
C SER D 57 -10.35 -12.09 -15.56
N GLY D 58 -10.06 -11.02 -14.81
CA GLY D 58 -9.77 -9.73 -15.40
C GLY D 58 -8.41 -9.70 -16.10
N THR D 59 -8.11 -8.57 -16.74
CA THR D 59 -6.87 -8.41 -17.50
C THR D 59 -5.93 -7.49 -16.73
N ALA D 60 -4.80 -8.03 -16.30
CA ALA D 60 -3.84 -7.29 -15.50
C ALA D 60 -3.20 -6.17 -16.31
N LEU D 61 -2.98 -5.03 -15.67
CA LEU D 61 -2.34 -3.89 -16.33
C LEU D 61 -1.71 -2.93 -15.32
N GLY D 62 -0.90 -2.00 -15.80
CA GLY D 62 -0.40 -0.92 -14.97
C GLY D 62 0.12 0.20 -15.82
N TRP D 63 0.18 1.42 -15.27
CA TRP D 63 0.76 2.55 -15.97
C TRP D 63 1.33 3.58 -15.02
N THR D 64 2.15 4.50 -15.57
CA THR D 64 2.82 5.49 -14.77
C THR D 64 2.59 6.86 -15.39
N VAL D 65 2.39 7.87 -14.54
CA VAL D 65 2.47 9.29 -14.93
C VAL D 65 3.49 9.92 -14.03
N ALA D 66 4.49 10.56 -14.64
CA ALA D 66 5.33 11.53 -13.93
C ALA D 66 4.65 12.90 -14.07
N TRP D 67 4.47 13.58 -12.95
CA TRP D 67 3.65 14.80 -12.89
C TRP D 67 4.42 16.05 -13.33
N LYS D 68 5.12 15.92 -14.45
CA LYS D 68 5.75 17.04 -15.14
C LYS D 68 5.16 17.11 -16.55
N ASN D 69 4.76 18.31 -16.94
CA ASN D 69 4.41 18.57 -18.35
C ASN D 69 4.95 19.95 -18.68
N ASN D 70 4.49 20.59 -19.75
CA ASN D 70 5.07 21.88 -20.13
C ASN D 70 4.59 23.04 -19.24
N TYR D 71 3.62 22.76 -18.38
CA TYR D 71 3.01 23.78 -17.53
C TYR D 71 3.43 23.71 -16.07
N ARG D 72 3.49 22.50 -15.50
CA ARG D 72 3.75 22.32 -14.08
C ARG D 72 4.66 21.13 -13.84
N ASN D 73 5.35 21.13 -12.70
CA ASN D 73 6.13 19.97 -12.27
C ASN D 73 5.99 19.77 -10.76
N ALA D 74 5.36 18.67 -10.37
CA ALA D 74 5.14 18.36 -8.96
C ALA D 74 6.22 17.45 -8.34
N HIS D 75 7.27 17.13 -9.12
CA HIS D 75 8.37 16.30 -8.65
C HIS D 75 7.83 15.05 -8.01
N SER D 76 6.95 14.39 -8.76
N SER D 76 7.00 14.35 -8.76
CA SER D 76 6.23 13.21 -8.29
CA SER D 76 6.38 13.13 -8.26
C SER D 76 5.90 12.29 -9.45
C SER D 76 5.83 12.32 -9.42
N ALA D 77 5.53 11.06 -9.12
CA ALA D 77 5.03 10.10 -10.09
C ALA D 77 4.05 9.16 -9.40
N THR D 78 2.98 8.86 -10.12
CA THR D 78 2.00 7.86 -9.67
C THR D 78 2.05 6.67 -10.59
N THR D 79 1.98 5.46 -9.99
CA THR D 79 1.73 4.25 -10.73
C THR D 79 0.42 3.61 -10.30
N TRP D 80 -0.40 3.24 -11.28
CA TRP D 80 -1.62 2.49 -11.06
C TRP D 80 -1.39 1.05 -11.44
N SER D 81 -1.77 0.12 -10.57
CA SER D 81 -1.67 -1.30 -10.82
C SER D 81 -3.07 -1.87 -10.63
N GLY D 82 -3.59 -2.62 -11.60
CA GLY D 82 -4.93 -3.14 -11.45
C GLY D 82 -5.33 -4.11 -12.53
N GLN D 83 -6.64 -4.20 -12.76
CA GLN D 83 -7.17 -5.08 -13.79
C GLN D 83 -8.43 -4.52 -14.44
N TYR D 84 -8.51 -4.77 -15.75
CA TYR D 84 -9.70 -4.48 -16.53
C TYR D 84 -10.69 -5.63 -16.38
N VAL D 85 -11.92 -5.24 -16.07
CA VAL D 85 -13.01 -6.16 -15.87
C VAL D 85 -14.07 -5.80 -16.89
N GLY D 86 -14.21 -6.68 -17.89
CA GLY D 86 -15.27 -6.56 -18.85
C GLY D 86 -16.55 -6.95 -18.13
N GLY D 87 -17.58 -6.18 -18.34
CA GLY D 87 -18.85 -6.45 -17.70
C GLY D 87 -19.96 -5.68 -18.37
N ALA D 88 -21.14 -5.74 -17.76
CA ALA D 88 -22.25 -4.92 -18.19
C ALA D 88 -21.70 -3.53 -18.43
N GLU D 89 -21.08 -2.97 -17.40
CA GLU D 89 -20.34 -1.72 -17.52
C GLU D 89 -18.88 -2.02 -17.22
N ALA D 90 -18.04 -1.85 -18.22
CA ALA D 90 -16.63 -2.16 -18.11
C ALA D 90 -15.98 -1.26 -17.06
N ARG D 91 -14.94 -1.79 -16.43
CA ARG D 91 -14.31 -1.12 -15.30
C ARG D 91 -12.83 -1.44 -15.32
N ILE D 92 -12.03 -0.48 -14.86
CA ILE D 92 -10.64 -0.75 -14.49
C ILE D 92 -10.46 -0.46 -12.99
N ASN D 93 -10.16 -1.52 -12.24
CA ASN D 93 -10.02 -1.39 -10.80
C ASN D 93 -8.56 -1.33 -10.45
N THR D 94 -8.15 -0.25 -9.78
CA THR D 94 -6.74 -0.05 -9.46
C THR D 94 -6.44 0.29 -8.01
N GLN D 95 -5.19 0.04 -7.66
N GLN D 95 -5.20 -0.01 -7.66
CA GLN D 95 -4.57 0.63 -6.51
CA GLN D 95 -4.49 0.51 -6.50
C GLN D 95 -3.34 1.38 -7.03
C GLN D 95 -3.40 1.42 -7.08
N TRP D 96 -3.00 2.46 -6.36
CA TRP D 96 -1.93 3.33 -6.85
C TRP D 96 -0.96 3.73 -5.76
N LEU D 97 0.24 4.09 -6.19
CA LEU D 97 1.29 4.61 -5.33
C LEU D 97 1.79 5.90 -5.95
N LEU D 98 1.76 6.98 -5.18
CA LEU D 98 2.28 8.28 -5.61
C LEU D 98 3.50 8.60 -4.79
N THR D 99 4.67 8.60 -5.44
CA THR D 99 5.90 8.90 -4.76
C THR D 99 6.39 10.28 -5.16
N SER D 100 6.72 11.09 -4.17
CA SER D 100 7.34 12.40 -4.42
C SER D 100 8.83 12.31 -4.17
N GLY D 101 9.58 13.10 -4.92
CA GLY D 101 11.01 13.19 -4.66
C GLY D 101 11.17 13.92 -3.34
N THR D 102 11.96 13.35 -2.43
CA THR D 102 12.15 13.94 -1.11
C THR D 102 13.63 13.89 -0.73
N THR D 103 13.96 14.59 0.34
CA THR D 103 15.26 14.39 0.95
C THR D 103 15.24 13.04 1.66
N GLU D 104 16.40 12.56 2.07
CA GLU D 104 16.49 11.31 2.77
C GLU D 104 15.71 11.34 4.09
N ALA D 105 15.79 12.48 4.79
CA ALA D 105 15.15 12.61 6.08
C ALA D 105 13.65 12.54 5.96
N ASN D 106 13.12 12.90 4.78
CA ASN D 106 11.67 12.87 4.58
C ASN D 106 11.19 11.67 3.75
N ALA D 107 12.09 10.74 3.45
CA ALA D 107 11.75 9.62 2.56
C ALA D 107 10.61 8.75 3.15
N TRP D 108 10.51 8.66 4.47
CA TRP D 108 9.49 7.84 5.10
C TRP D 108 8.11 8.34 4.72
N LYS D 109 7.97 9.62 4.41
CA LYS D 109 6.68 10.19 4.03
C LYS D 109 6.60 10.53 2.53
N SER D 110 7.39 9.84 1.70
CA SER D 110 7.42 10.08 0.28
C SER D 110 6.23 9.55 -0.52
N THR D 111 5.50 8.56 0.02
CA THR D 111 4.59 7.77 -0.82
C THR D 111 3.16 7.71 -0.28
N LEU D 112 2.22 8.20 -1.09
CA LEU D 112 0.78 8.05 -0.81
C LEU D 112 0.27 6.79 -1.48
N VAL D 113 -0.74 6.16 -0.88
CA VAL D 113 -1.40 5.00 -1.50
C VAL D 113 -2.91 5.24 -1.56
N GLY D 114 -3.53 4.77 -2.63
CA GLY D 114 -4.97 4.86 -2.72
C GLY D 114 -5.52 3.86 -3.72
N HIS D 115 -6.81 3.99 -4.02
CA HIS D 115 -7.47 3.11 -4.98
C HIS D 115 -8.42 3.93 -5.84
N ASP D 116 -8.37 3.69 -7.15
CA ASP D 116 -9.21 4.42 -8.12
C ASP D 116 -9.95 3.37 -8.96
N THR D 117 -11.24 3.60 -9.20
CA THR D 117 -11.96 2.76 -10.13
C THR D 117 -12.33 3.62 -11.33
N PHE D 118 -12.06 3.10 -12.53
CA PHE D 118 -12.31 3.82 -13.77
C PHE D 118 -13.46 3.18 -14.54
N THR D 119 -14.35 4.03 -15.05
CA THR D 119 -15.40 3.59 -15.97
C THR D 119 -15.42 4.47 -17.19
N LYS D 120 -16.13 4.04 -18.25
CA LYS D 120 -16.21 4.84 -19.47
C LYS D 120 -17.26 5.95 -19.32
N VAL D 121 -17.83 6.05 -18.12
CA VAL D 121 -18.76 7.13 -17.76
C VAL D 121 -18.17 8.06 -16.69
N LYS D 122 -18.41 9.35 -16.85
CA LYS D 122 -17.87 10.35 -15.95
C LYS D 122 -18.86 10.65 -14.85
N PRO D 123 -18.40 10.72 -13.58
CA PRO D 123 -19.36 10.92 -12.49
C PRO D 123 -19.88 12.35 -12.43
C1 EDO E . -9.03 -9.37 5.20
O1 EDO E . -7.93 -8.69 4.59
C2 EDO E . -10.25 -9.20 4.30
O2 EDO E . -10.55 -7.80 4.19
C1 EDO F . -9.88 -16.38 6.05
O1 EDO F . -10.09 -15.93 7.40
C2 EDO F . -8.57 -15.81 5.51
O2 EDO F . -8.59 -14.38 5.62
O1 PG4 G . 8.47 5.42 10.23
C1 PG4 G . 7.25 4.70 10.45
C2 PG4 G . 6.07 5.59 10.19
O2 PG4 G . 6.10 6.71 11.09
C3 PG4 G . 4.81 7.31 11.25
C4 PG4 G . 4.90 8.36 12.36
O3 PG4 G . 3.73 9.23 12.42
C5 PG4 G . 3.90 10.18 13.43
C6 PG4 G . 2.77 11.24 13.55
O4 PG4 G . 2.08 11.51 12.35
C7 PG4 G . 2.89 11.88 11.28
C8 PG4 G . 2.19 12.97 10.47
O5 PG4 G . 3.11 13.57 9.63
C1 EDO H . -0.94 -12.09 -6.65
O1 EDO H . -0.99 -10.83 -7.34
C2 EDO H . -2.06 -12.18 -5.62
O2 EDO H . -2.00 -13.45 -4.96
C1 EDO I . 5.91 -14.02 -11.02
O1 EDO I . 6.14 -12.63 -11.27
C2 EDO I . 6.10 -14.77 -12.32
O2 EDO I . 7.18 -14.18 -13.05
O1 PG4 J . -6.55 9.77 -8.57
C1 PG4 J . -5.98 9.91 -7.25
C2 PG4 J . -4.50 10.04 -7.41
O2 PG4 J . -4.28 11.32 -8.00
C3 PG4 J . -3.02 11.94 -7.73
C4 PG4 J . -2.83 13.16 -8.62
O3 PG4 J . -1.55 13.73 -8.28
C5 PG4 J . -1.20 14.84 -9.05
C6 PG4 J . 0.13 15.43 -8.52
O4 PG4 J . -0.06 15.85 -7.21
C7 PG4 J . 0.96 15.46 -6.31
C8 PG4 J . 0.55 15.88 -4.90
O5 PG4 J . -0.06 17.13 -4.96
#